data_2QNL
#
_entry.id   2QNL
#
_cell.length_a   64.800
_cell.length_b   64.800
_cell.length_c   148.870
_cell.angle_alpha   90.000
_cell.angle_beta   90.000
_cell.angle_gamma   120.000
#
_symmetry.space_group_name_H-M   'P 61 2 2'
#
loop_
_entity.id
_entity.type
_entity.pdbx_description
1 polymer 'Uncharacterized protein'
2 non-polymer 'CHLORIDE ION'
3 non-polymer 'SULFATE ION'
4 non-polymer GLYCEROL
5 water water
#
_entity_poly.entity_id   1
_entity_poly.type   'polypeptide(L)'
_entity_poly.pdbx_seq_one_letter_code
;G(MSE)HTQEALFVRLALDAWNTQSSRTDKLIQSLSNEALAVETAPGRNSGTYLLGHLTAVHDA(MSE)LPLLELGDTLY
PQLAPVFIQNPDKSGLEKPEINDLRLYWSLVQERLANQFNQLQPADWFNKHAAISREDFLKEPHRNKLSVLINRTNH
(MSE)AYHLGQLAYLKK
;
_entity_poly.pdbx_strand_id   A
#
loop_
_chem_comp.id
_chem_comp.type
_chem_comp.name
_chem_comp.formula
CL non-polymer 'CHLORIDE ION' 'Cl -1'
GOL non-polymer GLYCEROL 'C3 H8 O3'
SO4 non-polymer 'SULFATE ION' 'O4 S -2'
#
# COMPACT_ATOMS: atom_id res chain seq x y z
N GLY A 1 -4.85 26.89 14.95
CA GLY A 1 -6.22 26.39 15.29
C GLY A 1 -6.67 25.25 14.40
N MSE A 2 -7.72 25.49 13.64
CA MSE A 2 -8.40 24.40 12.96
C MSE A 2 -7.64 23.86 11.72
O MSE A 2 -7.60 22.65 11.51
CB MSE A 2 -9.78 24.92 12.69
CG MSE A 2 -10.27 25.61 13.97
SE MSE A 2 -10.42 24.56 15.70
CE MSE A 2 -8.60 24.19 16.32
N HIS A 3 -6.99 24.76 10.98
CA HIS A 3 -6.16 24.45 9.84
C HIS A 3 -4.92 23.69 10.32
N THR A 4 -4.36 24.18 11.40
CA THR A 4 -3.23 23.52 12.04
C THR A 4 -3.63 22.12 12.55
N GLN A 5 -4.83 21.99 13.14
CA GLN A 5 -5.26 20.69 13.67
C GLN A 5 -5.44 19.64 12.55
N GLU A 6 -5.98 20.09 11.44
CA GLU A 6 -6.18 19.26 10.29
C GLU A 6 -4.80 18.73 9.81
N ALA A 7 -3.78 19.61 9.77
CA ALA A 7 -2.41 19.27 9.38
C ALA A 7 -1.81 18.24 10.38
N LEU A 8 -2.09 18.36 11.66
CA LEU A 8 -1.60 17.43 12.66
C LEU A 8 -2.21 16.03 12.52
N PHE A 9 -3.46 15.92 12.14
N PHE A 9 -3.48 16.04 12.08
CA PHE A 9 -4.00 14.56 12.02
CA PHE A 9 -4.26 14.81 11.79
C PHE A 9 -3.57 13.89 10.70
C PHE A 9 -3.52 13.99 10.75
N VAL A 10 -3.33 14.69 9.65
CA VAL A 10 -2.69 14.15 8.44
C VAL A 10 -1.27 13.64 8.81
N ARG A 11 -0.53 14.40 9.62
N ARG A 11 -0.56 14.42 9.61
CA ARG A 11 0.79 13.97 10.04
CA ARG A 11 0.79 14.08 10.07
C ARG A 11 0.70 12.62 10.74
C ARG A 11 0.79 12.75 10.82
N LEU A 12 -0.20 12.53 11.71
CA LEU A 12 -0.33 11.26 12.42
C LEU A 12 -0.59 10.08 11.48
N ALA A 13 -1.51 10.26 10.54
CA ALA A 13 -1.89 9.16 9.63
C ALA A 13 -0.73 8.84 8.69
N LEU A 14 -0.08 9.88 8.16
CA LEU A 14 1.05 9.66 7.26
C LEU A 14 2.26 9.08 7.97
N ASP A 15 2.50 9.52 9.21
CA ASP A 15 3.62 8.96 9.99
C ASP A 15 3.41 7.43 10.16
N ALA A 16 2.18 6.99 10.42
CA ALA A 16 1.91 5.54 10.59
C ALA A 16 2.14 4.79 9.28
N TRP A 17 1.68 5.37 8.15
CA TRP A 17 1.93 4.79 6.81
C TRP A 17 3.41 4.67 6.59
N ASN A 18 4.14 5.73 6.87
CA ASN A 18 5.58 5.77 6.64
C ASN A 18 6.34 4.77 7.53
N THR A 19 5.88 4.60 8.75
CA THR A 19 6.51 3.65 9.70
C THR A 19 6.31 2.23 9.18
N GLN A 20 5.08 1.90 8.78
CA GLN A 20 4.84 0.56 8.26
C GLN A 20 5.58 0.31 6.96
N SER A 21 5.61 1.34 6.11
CA SER A 21 6.29 1.26 4.82
C SER A 21 7.78 1.05 5.01
N SER A 22 8.39 1.75 5.97
CA SER A 22 9.79 1.61 6.27
C SER A 22 10.10 0.20 6.70
N ARG A 23 9.30 -0.30 7.64
CA ARG A 23 9.49 -1.64 8.16
C ARG A 23 9.33 -2.71 7.06
N THR A 24 8.31 -2.53 6.22
CA THR A 24 8.08 -3.45 5.15
C THR A 24 9.25 -3.44 4.12
N ASP A 25 9.62 -2.23 3.69
CA ASP A 25 10.69 -2.05 2.73
C ASP A 25 12.03 -2.65 3.25
N LYS A 26 12.34 -2.38 4.54
CA LYS A 26 13.58 -2.84 5.06
C LYS A 26 13.59 -4.36 5.20
N LEU A 27 12.44 -4.93 5.56
N LEU A 27 12.45 -4.96 5.56
CA LEU A 27 12.30 -6.37 5.67
CA LEU A 27 12.37 -6.41 5.66
C LEU A 27 12.55 -7.01 4.30
C LEU A 27 12.55 -7.04 4.27
N ILE A 28 11.84 -6.51 3.26
CA ILE A 28 11.98 -7.03 1.91
C ILE A 28 13.44 -6.92 1.44
N GLN A 29 14.05 -5.76 1.68
CA GLN A 29 15.45 -5.58 1.26
C GLN A 29 16.40 -6.56 1.94
N SER A 30 16.06 -6.99 3.15
CA SER A 30 16.90 -7.86 3.93
C SER A 30 16.86 -9.31 3.51
N LEU A 31 15.86 -9.69 2.71
CA LEU A 31 15.67 -11.08 2.32
C LEU A 31 16.25 -11.34 0.94
N SER A 32 16.93 -12.46 0.78
CA SER A 32 17.35 -12.90 -0.55
C SER A 32 16.14 -13.33 -1.35
N ASN A 33 16.29 -13.46 -2.67
CA ASN A 33 15.19 -13.95 -3.48
C ASN A 33 14.71 -15.34 -3.07
N GLU A 34 15.67 -16.22 -2.77
CA GLU A 34 15.36 -17.57 -2.30
CA GLU A 34 15.34 -17.56 -2.30
C GLU A 34 14.55 -17.50 -0.99
N ALA A 35 14.96 -16.61 -0.08
CA ALA A 35 14.26 -16.47 1.22
C ALA A 35 12.86 -15.87 1.08
N LEU A 36 12.70 -14.96 0.13
CA LEU A 36 11.40 -14.37 -0.13
C LEU A 36 10.44 -15.34 -0.74
N ALA A 37 10.93 -16.32 -1.52
CA ALA A 37 10.08 -17.26 -2.23
C ALA A 37 9.40 -18.33 -1.38
N VAL A 38 9.95 -18.51 -0.19
CA VAL A 38 9.46 -19.48 0.80
C VAL A 38 8.06 -19.07 1.28
N GLU A 39 7.26 -20.07 1.59
CA GLU A 39 5.98 -19.81 2.24
C GLU A 39 6.19 -19.14 3.61
N THR A 40 5.38 -18.16 3.95
CA THR A 40 5.51 -17.47 5.24
C THR A 40 5.23 -18.44 6.39
N ALA A 41 4.41 -19.47 6.14
CA ALA A 41 4.13 -20.52 7.08
C ALA A 41 3.57 -21.67 6.23
N PRO A 42 3.60 -22.89 6.77
CA PRO A 42 3.12 -24.03 5.97
C PRO A 42 1.72 -23.86 5.37
N GLY A 43 1.68 -23.95 4.04
CA GLY A 43 0.46 -23.81 3.27
C GLY A 43 -0.03 -22.40 3.04
N ARG A 44 0.77 -21.45 3.49
CA ARG A 44 0.39 -20.05 3.41
C ARG A 44 1.15 -19.30 2.31
N ASN A 45 0.76 -18.05 2.08
CA ASN A 45 1.34 -17.26 1.00
C ASN A 45 2.88 -17.12 1.13
N SER A 46 3.54 -17.15 -0.02
CA SER A 46 4.96 -16.84 -0.09
C SER A 46 5.22 -15.36 0.10
N GLY A 47 6.45 -15.04 0.48
CA GLY A 47 6.90 -13.64 0.53
C GLY A 47 6.73 -12.98 -0.84
N THR A 48 7.07 -13.70 -1.92
CA THR A 48 6.91 -13.16 -3.26
C THR A 48 5.49 -12.70 -3.52
N TYR A 49 4.52 -13.54 -3.17
CA TYR A 49 3.13 -13.22 -3.37
C TYR A 49 2.73 -12.01 -2.54
N LEU A 50 3.13 -11.99 -1.26
CA LEU A 50 2.78 -10.83 -0.45
C LEU A 50 3.41 -9.54 -0.97
N LEU A 51 4.64 -9.60 -1.45
CA LEU A 51 5.26 -8.42 -2.05
C LEU A 51 4.41 -7.90 -3.23
N GLY A 52 4.04 -8.81 -4.13
CA GLY A 52 3.23 -8.44 -5.29
C GLY A 52 1.87 -7.92 -4.88
N HIS A 53 1.26 -8.58 -3.89
CA HIS A 53 -0.03 -8.18 -3.33
C HIS A 53 0.02 -6.75 -2.76
N LEU A 54 0.98 -6.50 -1.88
CA LEU A 54 1.14 -5.14 -1.30
C LEU A 54 1.39 -4.11 -2.41
N THR A 55 2.22 -4.48 -3.39
CA THR A 55 2.51 -3.56 -4.47
C THR A 55 1.25 -3.20 -5.26
N ALA A 56 0.48 -4.24 -5.65
CA ALA A 56 -0.75 -4.04 -6.41
C ALA A 56 -1.80 -3.23 -5.61
N VAL A 57 -1.94 -3.56 -4.33
CA VAL A 57 -2.92 -2.88 -3.48
C VAL A 57 -2.51 -1.38 -3.37
N HIS A 58 -1.22 -1.12 -3.17
CA HIS A 58 -0.77 0.27 -3.03
C HIS A 58 -0.91 1.00 -4.35
N ASP A 59 -0.59 0.33 -5.44
CA ASP A 59 -0.72 0.95 -6.77
C ASP A 59 -2.20 1.38 -7.00
N ALA A 60 -3.14 0.52 -6.60
CA ALA A 60 -4.55 0.81 -6.72
C ALA A 60 -4.99 2.04 -5.91
N MSE A 61 -4.21 2.47 -4.92
CA MSE A 61 -4.53 3.69 -4.18
C MSE A 61 -4.38 4.94 -5.02
O MSE A 61 -5.01 5.96 -4.75
CB MSE A 61 -3.62 3.86 -2.97
CG MSE A 61 -3.73 2.75 -1.95
SE MSE A 61 -2.36 2.76 -0.57
CE MSE A 61 -3.06 4.29 0.48
N LEU A 62 -3.55 4.89 -6.07
CA LEU A 62 -3.36 6.07 -6.89
C LEU A 62 -4.69 6.58 -7.48
N PRO A 63 -5.40 5.76 -8.26
CA PRO A 63 -6.65 6.26 -8.79
C PRO A 63 -7.73 6.47 -7.69
N LEU A 64 -7.73 5.61 -6.66
CA LEU A 64 -8.72 5.74 -5.59
C LEU A 64 -8.64 7.09 -4.88
N LEU A 65 -7.41 7.59 -4.76
CA LEU A 65 -7.16 8.88 -4.11
C LEU A 65 -7.05 10.06 -5.10
N GLU A 66 -7.40 9.81 -6.37
N GLU A 66 -7.40 9.78 -6.36
CA GLU A 66 -7.32 10.81 -7.43
CA GLU A 66 -7.37 10.76 -7.45
C GLU A 66 -5.93 11.38 -7.57
C GLU A 66 -5.97 11.33 -7.70
N LEU A 67 -4.95 10.49 -7.55
CA LEU A 67 -3.53 10.85 -7.65
C LEU A 67 -2.87 10.33 -8.91
N GLY A 68 -3.66 9.82 -9.82
CA GLY A 68 -3.16 9.35 -11.12
C GLY A 68 -3.54 7.91 -11.38
N ASP A 69 -3.21 7.42 -12.56
CA ASP A 69 -3.49 6.05 -12.88
C ASP A 69 -2.53 5.05 -12.19
N THR A 70 -2.95 3.79 -12.09
N THR A 70 -2.95 3.81 -12.16
CA THR A 70 -2.04 2.76 -11.63
CA THR A 70 -2.14 2.73 -11.62
C THR A 70 -0.86 2.69 -12.53
C THR A 70 -0.92 2.42 -12.54
N LEU A 71 0.29 2.35 -11.97
CA LEU A 71 1.51 2.17 -12.78
C LEU A 71 1.57 0.81 -13.47
N TYR A 72 1.16 -0.25 -12.76
CA TYR A 72 1.35 -1.63 -13.15
C TYR A 72 0.05 -2.44 -13.04
N PRO A 73 -0.97 -2.10 -13.86
CA PRO A 73 -2.27 -2.78 -13.78
C PRO A 73 -2.17 -4.30 -13.91
N GLN A 74 -1.18 -4.82 -14.63
CA GLN A 74 -1.08 -6.29 -14.83
C GLN A 74 -0.74 -7.02 -13.55
N LEU A 75 -0.29 -6.35 -12.51
CA LEU A 75 -0.09 -7.03 -11.24
C LEU A 75 -1.38 -7.45 -10.56
N ALA A 76 -2.47 -6.71 -10.79
CA ALA A 76 -3.72 -6.99 -10.04
C ALA A 76 -4.34 -8.37 -10.29
N PRO A 77 -4.39 -8.82 -11.56
CA PRO A 77 -4.89 -10.20 -11.74
C PRO A 77 -4.08 -11.27 -11.04
N VAL A 78 -2.77 -11.13 -11.01
CA VAL A 78 -1.89 -12.11 -10.41
C VAL A 78 -1.86 -12.06 -8.89
N PHE A 79 -1.88 -10.84 -8.32
CA PHE A 79 -1.64 -10.68 -6.89
C PHE A 79 -2.80 -10.18 -6.05
N ILE A 80 -3.93 -9.84 -6.69
CA ILE A 80 -5.14 -9.49 -5.96
C ILE A 80 -6.28 -10.46 -6.33
N GLN A 81 -6.52 -10.63 -7.61
CA GLN A 81 -7.71 -11.37 -8.05
C GLN A 81 -7.54 -12.89 -7.97
N ASN A 82 -6.32 -13.39 -7.96
CA ASN A 82 -6.04 -14.82 -7.90
C ASN A 82 -5.12 -15.10 -6.74
N PRO A 83 -5.18 -16.29 -6.13
CA PRO A 83 -4.30 -16.65 -4.99
C PRO A 83 -2.89 -17.02 -5.42
N ASP A 84 -2.02 -17.25 -4.43
CA ASP A 84 -0.63 -17.55 -4.67
C ASP A 84 -0.40 -18.80 -5.53
N LYS A 85 -1.10 -19.85 -5.23
CA LYS A 85 -0.82 -21.12 -5.94
C LYS A 85 -1.71 -21.29 -7.18
N SER A 86 -2.11 -20.17 -7.79
CA SER A 86 -2.94 -20.16 -8.99
C SER A 86 -2.33 -20.80 -10.22
N GLY A 87 -1.03 -20.88 -10.32
CA GLY A 87 -0.38 -21.33 -11.55
C GLY A 87 -0.15 -20.26 -12.60
N LEU A 88 -0.58 -19.02 -12.30
CA LEU A 88 -0.38 -17.87 -13.17
C LEU A 88 1.09 -17.46 -13.06
N GLU A 89 1.66 -17.07 -14.19
CA GLU A 89 3.05 -16.65 -14.20
C GLU A 89 3.22 -15.32 -13.45
N LYS A 90 4.25 -15.29 -12.61
CA LYS A 90 4.63 -14.09 -11.89
C LYS A 90 5.82 -13.38 -12.55
N PRO A 91 5.95 -12.06 -12.30
CA PRO A 91 7.19 -11.39 -12.71
C PRO A 91 8.39 -11.99 -11.97
N GLU A 92 9.58 -11.81 -12.53
CA GLU A 92 10.79 -12.11 -11.79
C GLU A 92 10.81 -11.30 -10.52
N ILE A 93 11.42 -11.88 -9.48
CA ILE A 93 11.41 -11.24 -8.17
C ILE A 93 12.09 -9.88 -8.19
N ASN A 94 13.19 -9.71 -8.90
CA ASN A 94 13.81 -8.40 -8.89
C ASN A 94 12.95 -7.35 -9.59
N ASP A 95 12.15 -7.76 -10.55
CA ASP A 95 11.20 -6.82 -11.17
C ASP A 95 10.14 -6.43 -10.13
N LEU A 96 9.61 -7.40 -9.36
CA LEU A 96 8.67 -7.07 -8.30
C LEU A 96 9.29 -6.12 -7.28
N ARG A 97 10.55 -6.33 -6.89
CA ARG A 97 11.19 -5.45 -5.95
C ARG A 97 11.18 -4.01 -6.47
N LEU A 98 11.48 -3.85 -7.76
CA LEU A 98 11.46 -2.52 -8.39
C LEU A 98 10.07 -1.93 -8.44
N TYR A 99 9.06 -2.71 -8.84
CA TYR A 99 7.69 -2.21 -8.89
C TYR A 99 7.26 -1.72 -7.52
N TRP A 100 7.55 -2.51 -6.50
CA TRP A 100 7.27 -2.08 -5.12
C TRP A 100 7.87 -0.71 -4.81
N SER A 101 9.14 -0.57 -5.13
N SER A 101 9.16 -0.53 -5.07
CA SER A 101 9.90 0.64 -4.85
CA SER A 101 9.81 0.75 -4.75
C SER A 101 9.36 1.85 -5.59
C SER A 101 9.20 1.89 -5.57
N LEU A 102 8.95 1.64 -6.84
CA LEU A 102 8.46 2.75 -7.68
C LEU A 102 7.04 3.17 -7.29
N VAL A 103 6.20 2.19 -6.97
CA VAL A 103 4.85 2.50 -6.44
C VAL A 103 4.97 3.24 -5.14
N GLN A 104 5.77 2.76 -4.19
CA GLN A 104 5.95 3.44 -2.89
C GLN A 104 6.44 4.86 -3.09
N GLU A 105 7.40 5.05 -3.97
CA GLU A 105 7.99 6.37 -4.22
C GLU A 105 7.00 7.30 -4.89
N ARG A 106 6.16 6.79 -5.79
CA ARG A 106 5.14 7.63 -6.43
C ARG A 106 4.13 8.09 -5.40
N LEU A 107 3.71 7.16 -4.59
CA LEU A 107 2.77 7.51 -3.51
C LEU A 107 3.39 8.55 -2.59
N ALA A 108 4.63 8.36 -2.17
CA ALA A 108 5.29 9.35 -1.29
C ALA A 108 5.29 10.72 -1.97
N ASN A 109 5.71 10.75 -3.23
N ASN A 109 5.70 10.77 -3.22
CA ASN A 109 5.74 12.01 -3.99
CA ASN A 109 5.79 12.05 -3.91
C ASN A 109 4.41 12.70 -3.92
C ASN A 109 4.42 12.73 -4.05
N GLN A 110 3.37 11.96 -4.29
CA GLN A 110 2.02 12.49 -4.38
C GLN A 110 1.50 12.92 -3.00
N PHE A 111 1.67 12.09 -2.02
CA PHE A 111 1.23 12.41 -0.64
C PHE A 111 1.91 13.70 -0.17
N ASN A 112 3.20 13.82 -0.43
CA ASN A 112 3.96 14.97 0.09
C ASN A 112 3.50 16.27 -0.56
N GLN A 113 2.81 16.23 -1.70
CA GLN A 113 2.24 17.44 -2.32
C GLN A 113 0.79 17.77 -2.03
N LEU A 114 0.08 16.86 -1.41
CA LEU A 114 -1.33 17.08 -1.04
C LEU A 114 -1.44 17.94 0.19
N GLN A 115 -2.41 18.84 0.20
N GLN A 115 -2.31 18.94 0.17
CA GLN A 115 -2.63 19.60 1.41
CA GLN A 115 -2.56 19.75 1.36
C GLN A 115 -3.56 18.90 2.31
C GLN A 115 -3.50 18.98 2.27
N PRO A 116 -3.39 19.17 3.60
CA PRO A 116 -4.15 18.48 4.57
C PRO A 116 -5.61 18.45 4.23
N ALA A 117 -6.16 19.57 3.76
CA ALA A 117 -7.51 19.62 3.39
C ALA A 117 -7.95 18.57 2.36
N ASP A 118 -7.11 18.27 1.34
CA ASP A 118 -7.43 17.38 0.23
C ASP A 118 -7.71 15.97 0.77
N TRP A 119 -7.09 15.63 1.90
CA TRP A 119 -7.29 14.32 2.52
C TRP A 119 -8.72 14.11 3.05
N PHE A 120 -9.44 15.22 3.28
CA PHE A 120 -10.77 15.16 3.84
C PHE A 120 -11.86 15.17 2.80
N ASN A 121 -11.44 15.19 1.54
CA ASN A 121 -12.39 15.04 0.42
C ASN A 121 -12.67 13.56 0.22
N LYS A 122 -13.74 13.26 -0.53
CA LYS A 122 -14.12 11.89 -0.73
C LYS A 122 -13.09 11.16 -1.61
N HIS A 123 -13.00 9.83 -1.46
CA HIS A 123 -12.23 9.01 -2.37
C HIS A 123 -13.08 8.68 -3.60
N ALA A 124 -12.44 8.05 -4.60
CA ALA A 124 -13.11 7.89 -5.91
C ALA A 124 -14.21 6.86 -5.94
N ALA A 125 -14.30 6.04 -4.91
CA ALA A 125 -15.24 4.90 -4.89
C ALA A 125 -16.52 5.18 -4.12
N ILE A 126 -16.76 6.42 -3.72
CA ILE A 126 -18.02 6.77 -3.06
C ILE A 126 -18.64 7.95 -3.80
N SER A 127 -20.00 7.96 -3.89
CA SER A 127 -20.70 9.07 -4.54
C SER A 127 -20.72 10.30 -3.67
N ARG A 128 -20.86 11.47 -4.29
CA ARG A 128 -21.03 12.73 -3.56
C ARG A 128 -22.22 12.58 -2.61
N GLU A 129 -23.32 12.05 -3.16
CA GLU A 129 -24.50 11.82 -2.37
C GLU A 129 -24.21 10.98 -1.13
N ASP A 130 -23.47 9.87 -1.23
CA ASP A 130 -23.22 9.00 -0.04
C ASP A 130 -22.18 9.60 0.92
N PHE A 131 -21.26 10.36 0.35
CA PHE A 131 -20.23 11.03 1.14
C PHE A 131 -20.88 12.06 2.11
N LEU A 132 -21.94 12.72 1.68
CA LEU A 132 -22.68 13.65 2.60
C LEU A 132 -23.15 12.96 3.89
N LYS A 133 -23.65 11.75 3.79
CA LYS A 133 -24.07 11.01 4.98
C LYS A 133 -22.94 10.53 5.83
N GLU A 134 -21.85 10.12 5.16
CA GLU A 134 -20.71 9.54 5.81
C GLU A 134 -19.41 10.21 5.34
N PRO A 135 -19.18 11.45 5.77
CA PRO A 135 -17.98 12.19 5.35
C PRO A 135 -16.66 11.67 5.90
N HIS A 136 -16.73 10.74 6.82
CA HIS A 136 -15.54 10.03 7.29
C HIS A 136 -15.05 9.07 6.20
N ARG A 137 -15.82 8.84 5.14
CA ARG A 137 -15.40 7.94 4.02
C ARG A 137 -14.60 8.72 3.01
N ASN A 138 -13.45 9.19 3.53
CA ASN A 138 -12.63 10.15 2.82
C ASN A 138 -11.28 9.55 2.40
N LYS A 139 -10.43 10.36 1.79
CA LYS A 139 -9.12 9.84 1.38
C LYS A 139 -8.23 9.39 2.54
N LEU A 140 -8.31 10.11 3.65
CA LEU A 140 -7.54 9.72 4.85
C LEU A 140 -7.98 8.35 5.34
N SER A 141 -9.26 8.01 5.24
CA SER A 141 -9.75 6.71 5.73
C SER A 141 -9.12 5.60 4.89
N VAL A 142 -8.86 5.82 3.61
CA VAL A 142 -8.16 4.85 2.79
C VAL A 142 -6.74 4.68 3.27
N LEU A 143 -6.05 5.78 3.50
CA LEU A 143 -4.67 5.70 4.02
C LEU A 143 -4.62 4.88 5.29
N ILE A 144 -5.51 5.19 6.22
CA ILE A 144 -5.55 4.48 7.51
C ILE A 144 -5.80 2.97 7.30
N ASN A 145 -6.77 2.65 6.49
CA ASN A 145 -7.13 1.28 6.23
C ASN A 145 -5.97 0.52 5.60
N ARG A 146 -5.34 1.09 4.60
CA ARG A 146 -4.26 0.39 3.92
C ARG A 146 -3.00 0.29 4.79
N THR A 147 -2.83 1.20 5.75
CA THR A 147 -1.74 1.09 6.69
C THR A 147 -1.95 -0.17 7.54
N ASN A 148 -3.17 -0.44 7.99
N ASN A 148 -3.17 -0.37 8.02
CA ASN A 148 -3.42 -1.66 8.77
CA ASN A 148 -3.53 -1.56 8.78
C ASN A 148 -3.34 -2.93 7.95
C ASN A 148 -3.27 -2.82 7.94
N HIS A 149 -3.75 -2.83 6.69
CA HIS A 149 -3.55 -3.96 5.74
C HIS A 149 -2.05 -4.29 5.62
N MSE A 150 -1.21 -3.30 5.51
CA MSE A 150 0.20 -3.51 5.39
C MSE A 150 0.78 -4.12 6.67
O MSE A 150 1.57 -5.06 6.60
CB MSE A 150 0.91 -2.21 5.04
CG MSE A 150 2.42 -2.36 5.02
SE MSE A 150 3.34 -0.89 4.17
CE MSE A 150 2.04 0.56 4.45
N ALA A 151 0.39 -3.59 7.82
CA ALA A 151 0.84 -4.12 9.12
C ALA A 151 0.49 -5.63 9.24
N TYR A 152 -0.73 -5.96 8.86
CA TYR A 152 -1.24 -7.34 8.88
C TYR A 152 -0.33 -8.27 8.09
N HIS A 153 0.00 -7.90 6.86
CA HIS A 153 0.85 -8.72 6.05
C HIS A 153 2.32 -8.65 6.48
N LEU A 154 2.74 -7.56 7.09
CA LEU A 154 4.11 -7.44 7.62
C LEU A 154 4.32 -8.48 8.74
N GLY A 155 3.29 -8.74 9.53
CA GLY A 155 3.37 -9.77 10.55
C GLY A 155 3.62 -11.16 9.97
N GLN A 156 3.15 -11.38 8.77
CA GLN A 156 3.35 -12.67 8.10
C GLN A 156 4.73 -12.72 7.44
N LEU A 157 5.09 -11.65 6.72
CA LEU A 157 6.44 -11.52 6.13
C LEU A 157 7.53 -11.71 7.18
N ALA A 158 7.28 -11.29 8.41
CA ALA A 158 8.24 -11.41 9.54
C ALA A 158 8.72 -12.84 9.73
N TYR A 159 7.87 -13.81 9.41
CA TYR A 159 8.20 -15.22 9.61
C TYR A 159 9.15 -15.78 8.53
N LEU A 160 9.51 -14.97 7.55
CA LEU A 160 10.52 -15.35 6.54
C LEU A 160 11.95 -15.08 7.01
N LYS A 161 12.10 -14.32 8.09
CA LYS A 161 13.40 -14.03 8.66
C LYS A 161 13.80 -15.20 9.53
N LYS A 162 14.78 -15.96 9.07
CA LYS A 162 15.21 -17.15 9.76
C LYS A 162 16.55 -16.84 10.44
CL CL B . 4.94 -2.66 12.44
CL CL C . 12.58 -17.39 4.23
S SO4 D . -10.24 -4.26 4.85
O1 SO4 D . -10.63 -3.16 3.95
O2 SO4 D . -8.99 -4.95 4.42
O3 SO4 D . -11.35 -5.22 4.88
O4 SO4 D . -9.98 -3.68 6.17
C1 GOL E . -11.68 0.11 -0.06
O1 GOL E . -11.47 0.30 -1.43
C2 GOL E . -12.14 1.45 0.49
O2 GOL E . -12.58 2.24 -0.59
C3 GOL E . -11.07 2.23 1.25
O3 GOL E . -10.86 1.80 2.58
C1 GOL F . 15.70 4.59 -1.79
O1 GOL F . 15.83 3.80 -2.95
C2 GOL F . 16.50 4.04 -0.63
O2 GOL F . 17.87 4.15 -0.93
C3 GOL F . 16.04 2.64 -0.20
O3 GOL F . 15.04 2.12 -1.05
C1 GOL G . -15.65 2.76 2.49
O1 GOL G . -15.20 4.06 2.21
C2 GOL G . -15.43 1.90 1.28
O2 GOL G . -15.73 0.57 1.65
C3 GOL G . -16.20 2.37 0.06
O3 GOL G . -15.61 1.94 -1.15
C1 GOL H . -4.62 -18.32 3.87
O1 GOL H . -3.99 -18.24 5.13
C2 GOL H . -3.85 -17.34 3.03
O2 GOL H . -4.45 -17.20 1.77
C3 GOL H . -2.46 -17.88 2.92
O3 GOL H . -1.55 -16.98 3.48
C1 GOL I . 3.25 -3.43 14.30
O1 GOL I . 2.88 -2.10 14.08
C2 GOL I . 4.35 -3.41 15.34
O2 GOL I . 3.86 -2.64 16.39
C3 GOL I . 4.69 -4.83 15.76
O3 GOL I . 5.45 -4.84 16.95
#